data_1XD3
#
_entry.id   1XD3
#
_cell.length_a   46.110
_cell.length_b   49.290
_cell.length_c   67.620
_cell.angle_alpha   86.12
_cell.angle_beta   75.03
_cell.angle_gamma   76.78
#
_symmetry.space_group_name_H-M   'P 1'
#
loop_
_entity.id
_entity.type
_entity.pdbx_description
1 polymer 'Ubiquitin Carboxyl-terminal esterase L3'
2 polymer 'UBC protein'
3 non-polymer 'MAGNESIUM ION'
4 non-polymer 'METHYL 4-AMINOBUTANOATE'
5 water water
#
loop_
_entity_poly.entity_id
_entity_poly.type
_entity_poly.pdbx_seq_one_letter_code
_entity_poly.pdbx_strand_id
1 'polypeptide(L)'
;MEGQRWLPLEANPEVTNQFLKQLGLHPNWQFVDVYGMDPELLSMVPRPVCAVLLLFPITEKYEVFRTEEEEKIKSQGQDV
TSSVYFMKQTISNACGTIGLIHAIANNKDKMHFESGSTLKKFLEESVSMSPEERARYLENYDAIRVTHETSAHEGQTEAP
SIDEKVDLHFIALVHVDGHLYELDGRKPFPINHGETSDETLLEDAIEVCKKFMERDPDELRFNAIALSAA
;
A,C
2 'polypeptide(L)' MQIFVKTLTGKTITLEVEPSDTIENVKAKIQDKEGIPPDQQRLIFAGKQLEDGRTLSDYNIQKESTLHLVLRLRG B,D
#
# COMPACT_ATOMS: atom_id res chain seq x y z
N GLU A 2 -28.76 16.11 12.40
CA GLU A 2 -28.09 17.44 12.59
C GLU A 2 -27.92 18.09 11.22
N GLY A 3 -28.47 17.43 10.20
CA GLY A 3 -28.43 17.92 8.84
C GLY A 3 -27.11 17.87 8.09
N GLN A 4 -26.08 17.22 8.65
CA GLN A 4 -24.82 17.18 7.94
C GLN A 4 -24.83 16.34 6.67
N ARG A 5 -23.89 16.66 5.80
CA ARG A 5 -23.73 15.98 4.52
C ARG A 5 -22.27 15.57 4.45
N TRP A 6 -22.04 14.34 4.01
CA TRP A 6 -20.69 13.82 3.88
C TRP A 6 -20.44 13.54 2.41
N LEU A 7 -19.25 13.05 2.09
CA LEU A 7 -18.91 12.73 0.71
C LEU A 7 -19.09 11.24 0.48
N PRO A 8 -19.48 10.83 -0.75
CA PRO A 8 -19.67 9.42 -1.04
C PRO A 8 -18.32 8.69 -1.15
N LEU A 9 -18.22 7.51 -0.55
N LEU A 9 -18.25 7.50 -0.58
CA LEU A 9 -16.98 6.72 -0.60
CA LEU A 9 -17.05 6.67 -0.55
C LEU A 9 -16.89 5.85 -1.83
C LEU A 9 -16.90 5.78 -1.80
N GLU A 10 -15.67 5.60 -2.28
CA GLU A 10 -15.45 4.75 -3.46
C GLU A 10 -15.49 3.27 -3.06
N ALA A 11 -16.17 2.45 -3.86
CA ALA A 11 -16.27 1.00 -3.61
C ALA A 11 -14.92 0.40 -4.04
N ASN A 12 -13.99 0.43 -3.12
CA ASN A 12 -12.61 0.04 -3.40
C ASN A 12 -12.04 -0.60 -2.15
N PRO A 13 -11.58 -1.86 -2.23
CA PRO A 13 -11.02 -2.52 -1.04
C PRO A 13 -9.87 -1.75 -0.40
N GLU A 14 -9.06 -1.08 -1.22
CA GLU A 14 -7.95 -0.33 -0.66
C GLU A 14 -8.47 0.79 0.22
N VAL A 15 -9.52 1.46 -0.24
CA VAL A 15 -10.10 2.55 0.54
C VAL A 15 -10.76 2.03 1.81
N THR A 16 -11.57 0.99 1.68
CA THR A 16 -12.28 0.48 2.83
C THR A 16 -11.34 -0.16 3.86
N ASN A 17 -10.29 -0.84 3.39
CA ASN A 17 -9.36 -1.45 4.33
C ASN A 17 -8.58 -0.39 5.10
N GLN A 18 -8.22 0.72 4.43
CA GLN A 18 -7.51 1.82 5.09
C GLN A 18 -8.45 2.51 6.09
N PHE A 19 -9.73 2.64 5.74
CA PHE A 19 -10.73 3.24 6.63
C PHE A 19 -10.78 2.40 7.93
N LEU A 20 -10.88 1.08 7.78
CA LEU A 20 -10.93 0.21 8.96
C LEU A 20 -9.65 0.31 9.79
N LYS A 21 -8.51 0.38 9.12
CA LYS A 21 -7.22 0.51 9.81
C LYS A 21 -7.22 1.79 10.65
N GLN A 22 -7.65 2.88 10.05
CA GLN A 22 -7.67 4.17 10.74
C GLN A 22 -8.64 4.16 11.92
N LEU A 23 -9.64 3.30 11.86
CA LEU A 23 -10.59 3.22 12.95
C LEU A 23 -10.15 2.21 13.99
N GLY A 24 -8.93 1.69 13.82
CA GLY A 24 -8.38 0.76 14.80
C GLY A 24 -8.62 -0.74 14.68
N LEU A 25 -9.05 -1.22 13.52
CA LEU A 25 -9.26 -2.65 13.32
C LEU A 25 -7.99 -3.24 12.73
N HIS A 26 -7.53 -4.36 13.28
CA HIS A 26 -6.33 -5.02 12.75
C HIS A 26 -6.72 -5.68 11.42
N PRO A 27 -5.74 -5.85 10.51
CA PRO A 27 -5.93 -6.41 9.18
C PRO A 27 -6.07 -7.91 8.92
N ASN A 28 -6.51 -8.68 9.90
CA ASN A 28 -6.68 -10.09 9.61
C ASN A 28 -8.03 -10.36 8.95
N TRP A 29 -8.79 -9.29 8.75
CA TRP A 29 -10.01 -9.32 7.94
C TRP A 29 -9.74 -8.22 6.94
N GLN A 30 -9.95 -8.51 5.67
CA GLN A 30 -9.73 -7.52 4.60
C GLN A 30 -10.76 -7.65 3.52
N PHE A 31 -11.23 -6.51 3.02
CA PHE A 31 -12.17 -6.53 1.92
C PHE A 31 -11.41 -6.88 0.65
N VAL A 32 -12.08 -7.61 -0.25
CA VAL A 32 -11.52 -7.96 -1.55
C VAL A 32 -12.63 -7.72 -2.59
N ASP A 33 -12.22 -7.58 -3.84
CA ASP A 33 -13.17 -7.39 -4.94
C ASP A 33 -13.81 -8.72 -5.30
N VAL A 34 -15.02 -8.64 -5.85
CA VAL A 34 -15.76 -9.81 -6.32
C VAL A 34 -15.88 -9.55 -7.84
N TYR A 35 -15.26 -10.41 -8.63
CA TYR A 35 -15.22 -10.25 -10.09
C TYR A 35 -16.41 -10.77 -10.89
N GLY A 36 -17.18 -11.66 -10.29
CA GLY A 36 -18.31 -12.20 -11.01
C GLY A 36 -19.13 -13.02 -10.05
N MET A 37 -20.26 -13.52 -10.52
CA MET A 37 -21.16 -14.27 -9.65
C MET A 37 -21.16 -15.78 -9.83
N ASP A 38 -20.39 -16.29 -10.80
CA ASP A 38 -20.35 -17.74 -11.00
C ASP A 38 -19.37 -18.39 -10.04
N PRO A 39 -19.51 -19.71 -9.82
CA PRO A 39 -18.65 -20.47 -8.92
C PRO A 39 -17.15 -20.25 -9.11
N GLU A 40 -16.72 -20.24 -10.37
CA GLU A 40 -15.31 -20.04 -10.68
C GLU A 40 -14.77 -18.70 -10.16
N LEU A 41 -15.51 -17.62 -10.35
CA LEU A 41 -15.05 -16.32 -9.90
C LEU A 41 -15.22 -16.19 -8.38
N LEU A 42 -16.30 -16.75 -7.85
CA LEU A 42 -16.49 -16.66 -6.41
C LEU A 42 -15.44 -17.48 -5.68
N SER A 43 -14.93 -18.54 -6.32
CA SER A 43 -13.91 -19.36 -5.66
C SER A 43 -12.61 -18.59 -5.41
N MET A 44 -12.44 -17.49 -6.13
N MET A 44 -12.40 -17.49 -6.13
CA MET A 44 -11.25 -16.66 -5.98
CA MET A 44 -11.20 -16.70 -5.92
C MET A 44 -11.30 -15.79 -4.72
C MET A 44 -11.29 -15.80 -4.69
N VAL A 45 -12.49 -15.66 -4.14
CA VAL A 45 -12.65 -14.85 -2.94
C VAL A 45 -12.20 -15.66 -1.72
N PRO A 46 -11.24 -15.14 -0.93
CA PRO A 46 -10.77 -15.89 0.25
C PRO A 46 -11.87 -16.14 1.26
N ARG A 47 -11.81 -17.30 1.91
CA ARG A 47 -12.80 -17.64 2.90
C ARG A 47 -12.11 -17.73 4.27
N PRO A 48 -12.88 -17.53 5.35
N PRO A 48 -12.88 -17.53 5.35
CA PRO A 48 -14.32 -17.22 5.32
CA PRO A 48 -14.32 -17.23 5.34
C PRO A 48 -14.64 -15.79 4.93
C PRO A 48 -14.64 -15.80 4.92
N VAL A 49 -15.90 -15.57 4.56
CA VAL A 49 -16.39 -14.24 4.19
C VAL A 49 -17.44 -13.93 5.27
N CYS A 50 -17.29 -12.82 5.98
CA CYS A 50 -18.27 -12.50 7.01
C CYS A 50 -19.21 -11.34 6.66
N ALA A 51 -19.00 -10.71 5.51
CA ALA A 51 -19.90 -9.64 5.09
C ALA A 51 -19.67 -9.32 3.63
N VAL A 52 -20.72 -8.83 2.98
CA VAL A 52 -20.59 -8.39 1.59
C VAL A 52 -21.18 -6.99 1.55
N LEU A 53 -20.45 -6.04 0.98
CA LEU A 53 -21.00 -4.69 0.82
C LEU A 53 -21.35 -4.58 -0.66
N LEU A 54 -22.60 -4.20 -0.94
CA LEU A 54 -23.04 -4.06 -2.32
C LEU A 54 -23.33 -2.60 -2.62
N LEU A 55 -22.72 -2.09 -3.68
CA LEU A 55 -23.00 -0.74 -4.15
C LEU A 55 -23.96 -1.00 -5.32
N PHE A 56 -25.09 -0.29 -5.33
CA PHE A 56 -26.08 -0.48 -6.40
C PHE A 56 -26.76 0.87 -6.68
N PRO A 57 -27.50 0.99 -7.80
CA PRO A 57 -28.17 2.24 -8.15
C PRO A 57 -29.53 2.44 -7.48
N ILE A 58 -29.72 3.58 -6.82
CA ILE A 58 -31.02 3.84 -6.22
C ILE A 58 -31.84 4.66 -7.22
N THR A 59 -32.21 3.96 -8.29
CA THR A 59 -32.99 4.49 -9.41
C THR A 59 -34.47 4.54 -9.09
N GLU A 60 -35.24 5.09 -10.02
CA GLU A 60 -36.71 5.16 -9.84
C GLU A 60 -37.28 3.74 -9.76
N LYS A 61 -36.77 2.84 -10.61
CA LYS A 61 -37.26 1.48 -10.62
C LYS A 61 -36.96 0.85 -9.26
N TYR A 62 -35.77 1.11 -8.74
CA TYR A 62 -35.41 0.57 -7.44
C TYR A 62 -36.35 1.08 -6.35
N GLU A 63 -36.60 2.40 -6.32
CA GLU A 63 -37.45 2.95 -5.29
C GLU A 63 -38.85 2.35 -5.30
N VAL A 64 -39.36 2.02 -6.49
CA VAL A 64 -40.70 1.42 -6.57
C VAL A 64 -40.65 0.08 -5.83
N PHE A 65 -39.59 -0.68 -6.04
CA PHE A 65 -39.48 -1.96 -5.36
C PHE A 65 -39.30 -1.79 -3.86
N ARG A 66 -38.49 -0.82 -3.45
CA ARG A 66 -38.25 -0.59 -2.02
C ARG A 66 -39.56 -0.24 -1.33
N THR A 67 -40.37 0.59 -1.97
CA THR A 67 -41.65 1.00 -1.40
C THR A 67 -42.54 -0.24 -1.24
N GLU A 68 -42.60 -1.07 -2.26
CA GLU A 68 -43.41 -2.28 -2.20
C GLU A 68 -42.90 -3.21 -1.12
N GLU A 69 -41.57 -3.36 -1.05
CA GLU A 69 -40.96 -4.25 -0.07
C GLU A 69 -41.31 -3.83 1.36
N GLU A 70 -41.21 -2.53 1.62
CA GLU A 70 -41.48 -2.01 2.96
C GLU A 70 -42.91 -2.32 3.38
N GLU A 71 -43.86 -2.06 2.50
N GLU A 71 -43.87 -2.06 2.50
CA GLU A 71 -45.26 -2.31 2.80
CA GLU A 71 -45.26 -2.33 2.88
C GLU A 71 -45.52 -3.80 2.97
C GLU A 71 -45.50 -3.82 3.00
N LYS A 72 -44.87 -4.62 2.15
CA LYS A 72 -45.04 -6.07 2.24
C LYS A 72 -44.56 -6.56 3.60
N ILE A 73 -43.37 -6.13 4.02
CA ILE A 73 -42.84 -6.57 5.29
C ILE A 73 -43.65 -6.05 6.47
N LYS A 74 -44.13 -4.82 6.41
CA LYS A 74 -44.93 -4.30 7.50
C LYS A 74 -46.27 -5.03 7.56
N SER A 75 -46.83 -5.36 6.40
CA SER A 75 -48.13 -6.01 6.39
C SER A 75 -48.12 -7.53 6.58
N GLN A 76 -47.04 -8.17 6.16
CA GLN A 76 -46.95 -9.63 6.27
C GLN A 76 -46.01 -10.12 7.36
N GLY A 77 -45.15 -9.23 7.82
CA GLY A 77 -44.18 -9.57 8.86
C GLY A 77 -42.94 -10.29 8.35
N GLN A 78 -41.93 -10.34 9.19
CA GLN A 78 -40.70 -11.07 8.90
C GLN A 78 -40.00 -11.29 10.23
N ASP A 79 -38.99 -12.15 10.23
CA ASP A 79 -38.24 -12.37 11.45
C ASP A 79 -36.92 -11.63 11.42
N VAL A 80 -36.59 -10.98 12.55
CA VAL A 80 -35.32 -10.28 12.69
C VAL A 80 -34.86 -10.61 14.10
N THR A 81 -33.77 -11.35 14.21
CA THR A 81 -33.23 -11.72 15.51
C THR A 81 -32.72 -10.50 16.28
N SER A 82 -32.83 -10.56 17.60
CA SER A 82 -32.39 -9.46 18.46
C SER A 82 -30.88 -9.21 18.38
N SER A 83 -30.15 -10.22 17.91
CA SER A 83 -28.69 -10.14 17.79
C SER A 83 -28.22 -9.16 16.73
N VAL A 84 -29.09 -8.90 15.75
CA VAL A 84 -28.72 -8.01 14.67
C VAL A 84 -28.49 -6.58 15.15
N TYR A 85 -27.40 -5.98 14.71
CA TYR A 85 -27.08 -4.60 15.03
C TYR A 85 -27.46 -3.82 13.79
N PHE A 86 -28.44 -2.92 13.95
CA PHE A 86 -28.94 -2.10 12.85
C PHE A 86 -28.93 -0.65 13.25
N MET A 87 -28.53 0.22 12.32
CA MET A 87 -28.52 1.64 12.60
C MET A 87 -29.13 2.37 11.42
N LYS A 88 -29.84 3.45 11.71
CA LYS A 88 -30.46 4.23 10.65
C LYS A 88 -29.49 5.23 10.04
N GLN A 89 -29.81 5.63 8.82
CA GLN A 89 -29.03 6.63 8.10
C GLN A 89 -29.73 7.96 8.22
N THR A 90 -29.05 8.92 8.84
CA THR A 90 -29.62 10.26 9.01
C THR A 90 -28.64 11.30 8.51
N ILE A 91 -27.55 10.84 7.90
CA ILE A 91 -26.54 11.73 7.35
C ILE A 91 -26.44 11.42 5.88
N SER A 92 -26.62 12.46 5.06
N SER A 92 -26.60 12.46 5.07
CA SER A 92 -26.54 12.30 3.62
CA SER A 92 -26.52 12.34 3.63
C SER A 92 -25.15 11.82 3.25
C SER A 92 -25.14 11.82 3.24
N ASN A 93 -25.09 10.83 2.36
CA ASN A 93 -23.83 10.25 1.89
C ASN A 93 -23.00 9.48 2.89
N ALA A 94 -23.58 9.16 4.04
CA ALA A 94 -22.82 8.41 5.04
C ALA A 94 -23.01 6.91 4.84
N CYS A 95 -23.72 6.51 3.78
CA CYS A 95 -23.97 5.09 3.56
C CYS A 95 -22.73 4.20 3.58
N GLY A 96 -21.58 4.69 3.12
CA GLY A 96 -20.39 3.87 3.13
C GLY A 96 -19.96 3.55 4.56
N THR A 97 -19.99 4.57 5.42
CA THR A 97 -19.62 4.39 6.81
C THR A 97 -20.64 3.47 7.50
N ILE A 98 -21.91 3.68 7.20
CA ILE A 98 -22.94 2.86 7.81
C ILE A 98 -22.80 1.41 7.35
N GLY A 99 -22.45 1.21 6.09
CA GLY A 99 -22.25 -0.14 5.60
C GLY A 99 -21.09 -0.82 6.32
N LEU A 100 -20.00 -0.07 6.52
CA LEU A 100 -18.84 -0.63 7.21
C LEU A 100 -19.16 -0.89 8.66
N ILE A 101 -19.89 0.03 9.31
CA ILE A 101 -20.26 -0.19 10.70
C ILE A 101 -21.14 -1.44 10.78
N HIS A 102 -22.10 -1.60 9.87
CA HIS A 102 -22.95 -2.79 9.91
C HIS A 102 -22.13 -4.06 9.74
N ALA A 103 -21.18 -4.03 8.82
CA ALA A 103 -20.35 -5.22 8.60
C ALA A 103 -19.54 -5.60 9.83
N ILE A 104 -18.90 -4.63 10.48
CA ILE A 104 -18.08 -4.94 11.65
C ILE A 104 -18.94 -5.21 12.90
N ALA A 105 -19.98 -4.40 13.12
CA ALA A 105 -20.83 -4.56 14.28
C ALA A 105 -21.46 -5.95 14.38
N ASN A 106 -21.84 -6.50 13.24
CA ASN A 106 -22.47 -7.80 13.25
C ASN A 106 -21.50 -8.97 13.25
N ASN A 107 -20.21 -8.66 13.30
CA ASN A 107 -19.15 -9.66 13.34
C ASN A 107 -18.12 -9.26 14.40
N LYS A 108 -18.54 -8.43 15.35
CA LYS A 108 -17.62 -7.90 16.35
C LYS A 108 -16.74 -8.90 17.07
N ASP A 109 -17.33 -10.01 17.50
CA ASP A 109 -16.57 -11.03 18.23
C ASP A 109 -15.46 -11.69 17.41
N LYS A 110 -15.50 -11.52 16.09
CA LYS A 110 -14.50 -12.13 15.20
C LYS A 110 -13.35 -11.17 14.93
N MET A 111 -13.49 -9.93 15.38
CA MET A 111 -12.53 -8.88 15.11
C MET A 111 -11.45 -8.66 16.14
N HIS A 112 -10.33 -8.14 15.65
CA HIS A 112 -9.18 -7.85 16.51
C HIS A 112 -8.99 -6.34 16.46
N PHE A 113 -9.27 -5.66 17.57
CA PHE A 113 -9.14 -4.20 17.66
C PHE A 113 -7.95 -3.71 18.46
N GLU A 114 -7.41 -2.57 18.03
CA GLU A 114 -6.34 -1.90 18.77
C GLU A 114 -6.99 -1.40 20.07
N SER A 115 -6.18 -1.24 21.11
N SER A 115 -6.17 -1.19 21.09
CA SER A 115 -6.69 -0.81 22.41
CA SER A 115 -6.72 -0.66 22.33
C SER A 115 -7.58 0.42 22.42
C SER A 115 -6.91 0.80 21.95
N GLY A 116 -7.14 1.48 21.73
N GLY A 116 -8.07 1.37 22.25
CA GLY A 116 -7.94 2.69 21.70
CA GLY A 116 -8.29 2.75 21.88
C GLY A 116 -8.65 2.85 20.37
C GLY A 116 -8.97 2.86 20.53
N SER A 117 -9.14 1.73 19.83
CA SER A 117 -9.83 1.73 18.53
C SER A 117 -11.08 2.59 18.64
N THR A 118 -11.24 3.56 17.75
N THR A 118 -11.23 3.56 17.74
CA THR A 118 -12.41 4.41 17.79
CA THR A 118 -12.38 4.43 17.75
C THR A 118 -13.66 3.68 17.33
C THR A 118 -13.64 3.69 17.31
N LEU A 119 -13.50 2.71 16.43
CA LEU A 119 -14.65 1.94 15.96
C LEU A 119 -15.10 1.04 17.12
N LYS A 120 -14.13 0.43 17.81
CA LYS A 120 -14.49 -0.42 18.93
C LYS A 120 -15.27 0.40 19.95
N LYS A 121 -14.79 1.61 20.23
CA LYS A 121 -15.47 2.49 21.19
C LYS A 121 -16.88 2.82 20.74
N PHE A 122 -17.04 3.16 19.47
CA PHE A 122 -18.36 3.49 18.95
C PHE A 122 -19.30 2.30 19.14
N LEU A 123 -18.81 1.11 18.79
CA LEU A 123 -19.62 -0.11 18.92
C LEU A 123 -19.94 -0.47 20.36
N GLU A 124 -18.99 -0.30 21.27
CA GLU A 124 -19.25 -0.63 22.67
C GLU A 124 -20.25 0.33 23.32
N GLU A 125 -20.15 1.60 22.97
N GLU A 125 -20.14 1.60 22.97
CA GLU A 125 -21.02 2.62 23.53
CA GLU A 125 -21.02 2.63 23.51
C GLU A 125 -22.44 2.58 22.93
C GLU A 125 -22.43 2.57 22.94
N SER A 126 -22.55 2.11 21.69
CA SER A 126 -23.84 2.03 21.01
C SER A 126 -24.49 0.66 20.99
N VAL A 127 -23.85 -0.31 21.64
CA VAL A 127 -24.34 -1.68 21.66
C VAL A 127 -25.78 -1.83 22.14
N SER A 128 -26.17 -1.01 23.12
CA SER A 128 -27.52 -1.09 23.67
C SER A 128 -28.46 0.03 23.26
N MET A 129 -28.04 0.82 22.29
CA MET A 129 -28.87 1.91 21.76
C MET A 129 -29.80 1.39 20.67
N SER A 130 -30.88 2.12 20.42
CA SER A 130 -31.82 1.73 19.37
C SER A 130 -31.22 2.15 18.01
N PRO A 131 -31.78 1.66 16.90
CA PRO A 131 -31.26 2.03 15.58
C PRO A 131 -31.26 3.55 15.40
N GLU A 132 -32.29 4.21 15.93
CA GLU A 132 -32.42 5.67 15.85
C GLU A 132 -31.37 6.37 16.73
N GLU A 133 -31.17 5.86 17.94
CA GLU A 133 -30.18 6.46 18.84
C GLU A 133 -28.78 6.31 18.26
N ARG A 134 -28.54 5.21 17.57
CA ARG A 134 -27.24 4.97 16.96
C ARG A 134 -26.98 5.98 15.86
N ALA A 135 -28.01 6.34 15.11
CA ALA A 135 -27.84 7.33 14.06
C ALA A 135 -27.53 8.67 14.71
N ARG A 136 -28.22 8.99 15.80
CA ARG A 136 -27.96 10.27 16.48
C ARG A 136 -26.54 10.28 17.03
N TYR A 137 -26.09 9.13 17.53
CA TYR A 137 -24.75 9.02 18.08
C TYR A 137 -23.71 9.25 16.99
N LEU A 138 -23.93 8.68 15.80
CA LEU A 138 -22.98 8.87 14.71
C LEU A 138 -22.90 10.36 14.35
N GLU A 139 -24.03 11.05 14.40
CA GLU A 139 -24.07 12.49 14.10
C GLU A 139 -23.14 13.29 15.00
N ASN A 140 -22.78 12.74 16.15
CA ASN A 140 -21.92 13.45 17.10
C ASN A 140 -20.55 12.81 17.29
N TYR A 141 -20.27 11.75 16.55
CA TYR A 141 -19.01 11.03 16.69
C TYR A 141 -17.95 11.53 15.71
N ASP A 142 -17.23 12.56 16.13
CA ASP A 142 -16.21 13.19 15.30
C ASP A 142 -15.17 12.27 14.67
N ALA A 143 -14.66 11.33 15.45
CA ALA A 143 -13.64 10.42 14.95
C ALA A 143 -14.04 9.74 13.65
N ILE A 144 -15.29 9.27 13.57
CA ILE A 144 -15.71 8.60 12.35
C ILE A 144 -15.99 9.62 11.25
N ARG A 145 -16.57 10.76 11.61
CA ARG A 145 -16.81 11.79 10.61
C ARG A 145 -15.49 12.17 9.93
N VAL A 146 -14.45 12.38 10.73
CA VAL A 146 -13.17 12.79 10.19
C VAL A 146 -12.52 11.71 9.32
N THR A 147 -12.58 10.47 9.78
CA THR A 147 -11.98 9.40 9.01
C THR A 147 -12.71 9.18 7.69
N HIS A 148 -14.04 9.27 7.73
CA HIS A 148 -14.83 9.08 6.51
C HIS A 148 -14.43 10.15 5.50
N GLU A 149 -14.29 11.38 5.96
N GLU A 149 -14.29 11.38 5.96
CA GLU A 149 -13.92 12.48 5.06
CA GLU A 149 -13.90 12.49 5.09
C GLU A 149 -12.56 12.21 4.41
C GLU A 149 -12.56 12.21 4.42
N THR A 150 -11.58 11.81 5.22
CA THR A 150 -10.26 11.51 4.70
C THR A 150 -10.33 10.36 3.68
N SER A 151 -11.06 9.30 4.04
CA SER A 151 -11.18 8.17 3.13
C SER A 151 -11.94 8.52 1.85
N ALA A 152 -12.87 9.46 1.93
CA ALA A 152 -13.64 9.87 0.76
C ALA A 152 -12.76 10.49 -0.32
N HIS A 153 -11.61 11.03 0.08
CA HIS A 153 -10.73 11.62 -0.91
C HIS A 153 -9.78 10.62 -1.55
N GLU A 154 -9.78 9.39 -1.04
CA GLU A 154 -8.91 8.36 -1.59
C GLU A 154 -9.63 7.58 -2.69
N GLY A 155 -8.89 6.77 -3.43
CA GLY A 155 -9.48 5.99 -4.48
C GLY A 155 -8.95 6.29 -5.87
N GLN A 156 -9.48 5.55 -6.84
CA GLN A 156 -9.08 5.69 -8.24
C GLN A 156 -9.74 6.94 -8.83
N THR A 157 -10.88 7.33 -8.28
CA THR A 157 -11.61 8.48 -8.80
C THR A 157 -11.54 9.68 -7.87
N GLU A 158 -11.76 10.87 -8.42
CA GLU A 158 -11.74 12.08 -7.62
C GLU A 158 -13.07 12.21 -6.88
N ALA A 159 -13.03 12.69 -5.64
CA ALA A 159 -14.24 12.87 -4.86
C ALA A 159 -15.04 14.00 -5.50
N PRO A 160 -16.36 13.83 -5.61
CA PRO A 160 -17.22 14.85 -6.20
C PRO A 160 -17.54 15.95 -5.21
N SER A 161 -18.31 16.95 -5.65
N SER A 161 -18.29 16.96 -5.65
CA SER A 161 -18.72 18.05 -4.79
CA SER A 161 -18.68 18.05 -4.77
C SER A 161 -19.71 17.45 -3.80
C SER A 161 -19.69 17.44 -3.80
N ILE A 162 -19.79 18.00 -2.60
CA ILE A 162 -20.71 17.48 -1.60
C ILE A 162 -22.19 17.66 -1.95
N ASP A 163 -22.48 18.61 -2.83
CA ASP A 163 -23.85 18.90 -3.24
C ASP A 163 -24.30 18.14 -4.49
N GLU A 164 -23.35 17.54 -5.21
CA GLU A 164 -23.68 16.79 -6.42
C GLU A 164 -24.60 15.62 -6.10
N LYS A 165 -25.47 15.29 -7.04
CA LYS A 165 -26.41 14.20 -6.85
C LYS A 165 -25.70 12.86 -6.81
N VAL A 166 -26.10 12.02 -5.86
CA VAL A 166 -25.55 10.68 -5.73
C VAL A 166 -26.71 9.70 -5.88
N ASP A 167 -26.61 8.79 -6.83
CA ASP A 167 -27.68 7.85 -7.04
C ASP A 167 -27.24 6.41 -6.91
N LEU A 168 -26.17 6.22 -6.14
CA LEU A 168 -25.59 4.91 -5.84
C LEU A 168 -25.56 4.79 -4.32
N HIS A 169 -25.80 3.59 -3.82
CA HIS A 169 -25.91 3.39 -2.39
C HIS A 169 -25.20 2.10 -2.00
N PHE A 170 -24.77 2.03 -0.75
CA PHE A 170 -24.14 0.85 -0.19
C PHE A 170 -25.04 0.19 0.83
N ILE A 171 -25.09 -1.14 0.80
N ILE A 171 -25.09 -1.14 0.80
CA ILE A 171 -25.83 -1.89 1.81
CA ILE A 171 -25.83 -1.90 1.80
C ILE A 171 -24.91 -3.02 2.22
C ILE A 171 -24.92 -3.04 2.22
N ALA A 172 -25.16 -3.57 3.40
CA ALA A 172 -24.35 -4.66 3.92
C ALA A 172 -25.20 -5.92 4.00
N LEU A 173 -24.59 -7.04 3.65
CA LEU A 173 -25.25 -8.34 3.71
C LEU A 173 -24.42 -9.17 4.68
N VAL A 174 -25.07 -9.64 5.74
CA VAL A 174 -24.40 -10.42 6.76
C VAL A 174 -25.21 -11.62 7.19
N HIS A 175 -24.55 -12.55 7.85
CA HIS A 175 -25.21 -13.74 8.37
C HIS A 175 -25.32 -13.61 9.88
N VAL A 176 -26.54 -13.70 10.40
CA VAL A 176 -26.72 -13.65 11.85
C VAL A 176 -27.74 -14.71 12.22
N ASP A 177 -27.34 -15.59 13.11
CA ASP A 177 -28.20 -16.67 13.60
C ASP A 177 -28.94 -17.44 12.52
N GLY A 178 -28.22 -17.83 11.46
CA GLY A 178 -28.83 -18.63 10.42
C GLY A 178 -29.58 -17.93 9.30
N HIS A 179 -29.65 -16.61 9.33
CA HIS A 179 -30.35 -15.90 8.27
C HIS A 179 -29.48 -14.82 7.66
N LEU A 180 -29.79 -14.50 6.42
CA LEU A 180 -29.07 -13.51 5.67
C LEU A 180 -29.85 -12.21 5.83
N TYR A 181 -29.17 -11.18 6.32
CA TYR A 181 -29.81 -9.89 6.50
C TYR A 181 -29.18 -8.80 5.66
N GLU A 182 -30.05 -8.02 5.00
CA GLU A 182 -29.60 -6.86 4.27
C GLU A 182 -29.78 -5.72 5.26
N LEU A 183 -28.71 -4.94 5.47
CA LEU A 183 -28.75 -3.81 6.40
C LEU A 183 -28.57 -2.54 5.58
N ASP A 184 -29.66 -1.76 5.52
CA ASP A 184 -29.71 -0.53 4.76
C ASP A 184 -30.30 0.53 5.71
N GLY A 185 -29.48 1.51 6.10
CA GLY A 185 -29.95 2.55 7.00
C GLY A 185 -31.11 3.41 6.47
N ARG A 186 -31.39 3.31 5.18
CA ARG A 186 -32.49 4.07 4.59
C ARG A 186 -33.82 3.36 4.83
N LYS A 187 -33.75 2.10 5.22
CA LYS A 187 -34.94 1.30 5.43
C LYS A 187 -35.32 1.34 6.90
N PRO A 188 -36.58 1.02 7.22
CA PRO A 188 -37.02 1.04 8.61
C PRO A 188 -36.55 -0.14 9.45
N PHE A 189 -35.95 -1.14 8.81
CA PHE A 189 -35.51 -2.33 9.52
C PHE A 189 -34.60 -3.18 8.64
N PRO A 190 -33.91 -4.16 9.23
CA PRO A 190 -33.06 -5.05 8.42
C PRO A 190 -34.05 -5.79 7.52
N ILE A 191 -33.57 -6.38 6.43
CA ILE A 191 -34.42 -7.18 5.55
C ILE A 191 -33.93 -8.62 5.63
N ASN A 192 -34.80 -9.55 6.02
CA ASN A 192 -34.43 -10.95 6.10
C ASN A 192 -34.60 -11.58 4.72
N HIS A 193 -33.50 -12.08 4.15
CA HIS A 193 -33.51 -12.67 2.83
C HIS A 193 -33.46 -14.18 2.83
N GLY A 194 -33.71 -14.79 3.98
CA GLY A 194 -33.70 -16.24 4.00
C GLY A 194 -32.56 -16.84 4.78
N GLU A 195 -32.42 -18.15 4.66
CA GLU A 195 -31.38 -18.83 5.39
C GLU A 195 -30.01 -18.75 4.74
N THR A 196 -28.98 -18.81 5.58
CA THR A 196 -27.60 -18.82 5.13
C THR A 196 -26.78 -19.40 6.28
N SER A 197 -25.47 -19.52 6.08
CA SER A 197 -24.58 -20.06 7.11
C SER A 197 -23.23 -19.39 6.98
N ASP A 198 -22.35 -19.64 7.94
CA ASP A 198 -21.01 -19.09 7.94
C ASP A 198 -20.31 -19.45 6.63
N GLU A 199 -20.48 -20.69 6.18
CA GLU A 199 -19.80 -21.16 4.99
C GLU A 199 -20.37 -20.78 3.64
N THR A 200 -21.65 -20.40 3.60
CA THR A 200 -22.28 -20.07 2.32
C THR A 200 -22.72 -18.62 2.22
N LEU A 201 -22.26 -17.79 3.15
CA LEU A 201 -22.65 -16.38 3.12
C LEU A 201 -22.38 -15.70 1.77
N LEU A 202 -21.18 -15.89 1.23
CA LEU A 202 -20.85 -15.23 -0.04
C LEU A 202 -21.83 -15.62 -1.14
N GLU A 203 -22.00 -16.91 -1.35
CA GLU A 203 -22.91 -17.40 -2.37
C GLU A 203 -24.35 -16.92 -2.17
N ASP A 204 -24.83 -17.00 -0.95
CA ASP A 204 -26.19 -16.57 -0.66
C ASP A 204 -26.35 -15.07 -0.80
N ALA A 205 -25.34 -14.30 -0.39
CA ALA A 205 -25.42 -12.86 -0.52
C ALA A 205 -25.43 -12.49 -2.01
N ILE A 206 -24.64 -13.20 -2.80
CA ILE A 206 -24.58 -12.94 -4.24
C ILE A 206 -25.93 -13.21 -4.90
N GLU A 207 -26.68 -14.19 -4.40
CA GLU A 207 -27.99 -14.44 -4.99
C GLU A 207 -28.87 -13.22 -4.75
N VAL A 208 -28.71 -12.56 -3.62
CA VAL A 208 -29.50 -11.35 -3.36
C VAL A 208 -29.03 -10.25 -4.29
N CYS A 209 -27.72 -10.12 -4.47
CA CYS A 209 -27.18 -9.10 -5.36
C CYS A 209 -27.74 -9.30 -6.77
N LYS A 210 -27.85 -10.56 -7.19
CA LYS A 210 -28.39 -10.90 -8.51
C LYS A 210 -29.81 -10.35 -8.66
N LYS A 211 -30.60 -10.46 -7.60
CA LYS A 211 -31.97 -9.96 -7.59
C LYS A 211 -31.99 -8.46 -7.86
N PHE A 212 -31.09 -7.73 -7.19
CA PHE A 212 -30.99 -6.29 -7.39
C PHE A 212 -30.72 -5.97 -8.87
N MET A 213 -29.80 -6.73 -9.45
CA MET A 213 -29.43 -6.53 -10.84
C MET A 213 -30.52 -6.83 -11.84
N GLU A 214 -31.23 -7.93 -11.66
N GLU A 214 -31.23 -7.93 -11.64
CA GLU A 214 -32.25 -8.28 -12.62
CA GLU A 214 -32.29 -8.31 -12.57
C GLU A 214 -33.49 -7.37 -12.52
C GLU A 214 -33.46 -7.33 -12.54
N ARG A 215 -33.58 -6.59 -11.44
CA ARG A 215 -34.68 -5.63 -11.27
C ARG A 215 -34.39 -4.36 -12.08
N ASP A 216 -33.11 -4.14 -12.35
CA ASP A 216 -32.64 -2.96 -13.06
C ASP A 216 -31.74 -3.43 -14.21
N PRO A 217 -32.31 -4.11 -15.21
CA PRO A 217 -31.61 -4.66 -16.38
C PRO A 217 -30.79 -3.66 -17.20
N ASP A 218 -31.14 -2.38 -17.16
CA ASP A 218 -30.40 -1.38 -17.93
C ASP A 218 -29.20 -0.81 -17.17
N GLU A 219 -29.01 -1.24 -15.92
CA GLU A 219 -27.90 -0.71 -15.12
C GLU A 219 -26.73 -1.67 -15.03
N LEU A 220 -25.51 -1.12 -15.06
CA LEU A 220 -24.29 -1.90 -14.93
C LEU A 220 -23.58 -1.44 -13.67
N ARG A 221 -24.11 -0.39 -13.06
CA ARG A 221 -23.46 0.21 -11.89
C ARG A 221 -23.66 -0.50 -10.56
N PHE A 222 -22.98 -1.65 -10.45
CA PHE A 222 -23.01 -2.47 -9.24
C PHE A 222 -21.58 -2.84 -8.89
N ASN A 223 -21.32 -2.99 -7.60
CA ASN A 223 -20.01 -3.40 -7.13
C ASN A 223 -20.19 -4.15 -5.83
N ALA A 224 -19.55 -5.31 -5.71
CA ALA A 224 -19.63 -6.07 -4.47
C ALA A 224 -18.21 -6.29 -3.94
N ILE A 225 -18.04 -6.04 -2.65
CA ILE A 225 -16.75 -6.31 -2.00
C ILE A 225 -17.05 -7.25 -0.84
N ALA A 226 -16.16 -8.21 -0.64
CA ALA A 226 -16.33 -9.21 0.41
C ALA A 226 -15.34 -9.02 1.55
N LEU A 227 -15.82 -9.05 2.79
CA LEU A 227 -14.91 -8.91 3.93
C LEU A 227 -14.45 -10.35 4.20
N SER A 228 -13.22 -10.64 3.80
N SER A 228 -13.23 -10.65 3.81
CA SER A 228 -12.63 -11.97 3.90
CA SER A 228 -12.70 -11.99 3.96
C SER A 228 -11.50 -12.11 4.90
C SER A 228 -11.52 -12.12 4.90
N ALA A 229 -11.29 -13.32 5.38
CA ALA A 229 -10.21 -13.58 6.30
C ALA A 229 -8.89 -13.38 5.56
N ALA A 230 -7.91 -12.83 6.27
CA ALA A 230 -6.57 -12.58 5.75
C ALA A 230 -5.57 -12.94 6.87
N MET B 1 -7.57 -8.72 -33.13
CA MET B 1 -8.16 -9.88 -32.41
C MET B 1 -9.25 -9.40 -31.47
N GLN B 2 -10.08 -10.32 -31.01
CA GLN B 2 -11.14 -9.98 -30.09
C GLN B 2 -10.82 -10.50 -28.70
N ILE B 3 -11.32 -9.77 -27.69
CA ILE B 3 -11.20 -10.19 -26.29
C ILE B 3 -12.56 -9.82 -25.73
N PHE B 4 -12.92 -10.45 -24.64
CA PHE B 4 -14.21 -10.22 -24.01
C PHE B 4 -13.98 -9.67 -22.61
N VAL B 5 -14.81 -8.69 -22.25
CA VAL B 5 -14.69 -8.08 -20.93
C VAL B 5 -16.03 -8.27 -20.24
N LYS B 6 -16.02 -8.95 -19.10
CA LYS B 6 -17.25 -9.22 -18.37
C LYS B 6 -17.39 -8.38 -17.11
N THR B 7 -18.59 -7.84 -16.93
CA THR B 7 -18.90 -7.00 -15.77
C THR B 7 -19.44 -7.89 -14.67
N LEU B 8 -19.58 -7.33 -13.47
CA LEU B 8 -20.12 -8.07 -12.34
C LEU B 8 -21.52 -8.62 -12.65
N THR B 9 -22.31 -7.83 -13.37
CA THR B 9 -23.68 -8.23 -13.71
C THR B 9 -23.71 -9.38 -14.72
N GLY B 10 -22.57 -9.69 -15.32
CA GLY B 10 -22.53 -10.78 -16.29
C GLY B 10 -22.57 -10.34 -17.73
N LYS B 11 -22.61 -9.04 -17.97
CA LYS B 11 -22.65 -8.53 -19.34
C LYS B 11 -21.29 -8.72 -19.99
N THR B 12 -21.30 -9.16 -21.25
CA THR B 12 -20.06 -9.36 -21.99
C THR B 12 -19.90 -8.25 -23.01
N ILE B 13 -18.77 -7.56 -22.93
CA ILE B 13 -18.47 -6.48 -23.85
C ILE B 13 -17.39 -7.06 -24.76
N THR B 14 -17.61 -7.00 -26.06
CA THR B 14 -16.63 -7.52 -27.01
C THR B 14 -15.82 -6.37 -27.57
N LEU B 15 -14.50 -6.50 -27.49
CA LEU B 15 -13.60 -5.46 -27.97
C LEU B 15 -12.68 -5.98 -29.06
N GLU B 16 -12.33 -5.07 -29.97
CA GLU B 16 -11.40 -5.37 -31.05
C GLU B 16 -10.11 -4.72 -30.54
N VAL B 17 -9.10 -5.54 -30.26
CA VAL B 17 -7.84 -5.02 -29.73
C VAL B 17 -6.64 -5.63 -30.45
N GLU B 18 -5.46 -5.18 -30.05
CA GLU B 18 -4.20 -5.68 -30.59
C GLU B 18 -3.33 -5.99 -29.39
N PRO B 19 -2.43 -6.98 -29.51
CA PRO B 19 -1.53 -7.36 -28.42
C PRO B 19 -0.75 -6.17 -27.87
N SER B 20 -0.47 -5.21 -28.73
CA SER B 20 0.28 -4.02 -28.35
C SER B 20 -0.53 -2.98 -27.58
N ASP B 21 -1.85 -3.16 -27.51
CA ASP B 21 -2.70 -2.21 -26.80
C ASP B 21 -2.37 -2.17 -25.32
N THR B 22 -2.33 -0.96 -24.76
CA THR B 22 -2.07 -0.80 -23.34
C THR B 22 -3.41 -0.93 -22.62
N ILE B 23 -3.35 -1.21 -21.33
CA ILE B 23 -4.57 -1.33 -20.52
C ILE B 23 -5.34 -0.02 -20.62
N GLU B 24 -4.61 1.07 -20.69
CA GLU B 24 -5.21 2.40 -20.81
C GLU B 24 -6.05 2.44 -22.09
N ASN B 25 -5.50 1.90 -23.17
CA ASN B 25 -6.21 1.88 -24.46
C ASN B 25 -7.46 1.02 -24.38
N VAL B 26 -7.37 -0.10 -23.68
CA VAL B 26 -8.51 -1.00 -23.53
C VAL B 26 -9.63 -0.28 -22.77
N LYS B 27 -9.26 0.44 -21.71
CA LYS B 27 -10.25 1.17 -20.95
C LYS B 27 -10.96 2.22 -21.80
N ALA B 28 -10.20 2.88 -22.67
CA ALA B 28 -10.78 3.89 -23.55
C ALA B 28 -11.79 3.23 -24.49
N LYS B 29 -11.49 2.03 -24.95
CA LYS B 29 -12.40 1.31 -25.85
C LYS B 29 -13.68 0.93 -25.11
N ILE B 30 -13.54 0.62 -23.82
CA ILE B 30 -14.70 0.27 -23.00
C ILE B 30 -15.55 1.52 -22.81
N GLN B 31 -14.91 2.67 -22.69
CA GLN B 31 -15.64 3.92 -22.53
C GLN B 31 -16.46 4.20 -23.80
N ASP B 32 -15.85 3.99 -24.96
CA ASP B 32 -16.52 4.25 -26.23
C ASP B 32 -17.74 3.37 -26.42
N LYS B 33 -17.69 2.15 -25.93
CA LYS B 33 -18.80 1.22 -26.08
C LYS B 33 -19.84 1.30 -24.97
N GLU B 34 -19.40 1.52 -23.74
CA GLU B 34 -20.31 1.57 -22.59
C GLU B 34 -20.48 2.91 -21.89
N GLY B 35 -19.65 3.89 -22.22
CA GLY B 35 -19.77 5.18 -21.58
C GLY B 35 -19.20 5.25 -20.18
N ILE B 36 -18.48 4.20 -19.78
CA ILE B 36 -17.89 4.15 -18.45
C ILE B 36 -16.52 4.84 -18.47
N PRO B 37 -16.36 5.88 -17.64
CA PRO B 37 -15.07 6.60 -17.59
C PRO B 37 -13.95 5.65 -17.19
N PRO B 38 -12.75 5.80 -17.78
CA PRO B 38 -11.61 4.93 -17.46
C PRO B 38 -11.25 4.91 -15.97
N ASP B 39 -11.39 6.06 -15.32
N ASP B 39 -11.37 6.05 -15.30
CA ASP B 39 -11.08 6.18 -13.89
CA ASP B 39 -11.04 6.15 -13.88
C ASP B 39 -11.88 5.22 -13.02
C ASP B 39 -11.90 5.26 -12.99
N GLN B 40 -13.07 4.89 -13.49
CA GLN B 40 -13.95 4.02 -12.73
C GLN B 40 -13.69 2.56 -13.06
N GLN B 41 -12.75 2.30 -13.97
CA GLN B 41 -12.48 0.93 -14.36
C GLN B 41 -11.26 0.28 -13.74
N ARG B 42 -11.45 -0.95 -13.26
CA ARG B 42 -10.36 -1.75 -12.73
C ARG B 42 -10.49 -3.06 -13.51
N LEU B 43 -9.48 -3.35 -14.33
CA LEU B 43 -9.49 -4.57 -15.15
C LEU B 43 -8.68 -5.69 -14.50
N ILE B 44 -9.19 -6.91 -14.66
CA ILE B 44 -8.58 -8.10 -14.07
C ILE B 44 -8.40 -9.19 -15.11
N PHE B 45 -7.27 -9.90 -15.06
CA PHE B 45 -7.07 -11.02 -15.96
C PHE B 45 -6.56 -12.18 -15.15
N ALA B 46 -7.32 -13.26 -15.13
CA ALA B 46 -6.94 -14.46 -14.39
C ALA B 46 -6.53 -14.13 -12.96
N GLY B 47 -7.34 -13.31 -12.28
CA GLY B 47 -7.05 -12.96 -10.91
C GLY B 47 -6.00 -11.88 -10.66
N LYS B 48 -5.42 -11.35 -11.73
CA LYS B 48 -4.40 -10.32 -11.58
C LYS B 48 -4.92 -8.94 -11.97
N GLN B 49 -4.63 -7.95 -11.15
CA GLN B 49 -5.03 -6.57 -11.43
C GLN B 49 -4.13 -6.07 -12.56
N LEU B 50 -4.71 -5.43 -13.56
CA LEU B 50 -3.95 -4.92 -14.69
C LEU B 50 -3.65 -3.43 -14.54
N GLU B 51 -2.44 -3.02 -14.87
N GLU B 51 -2.43 -3.03 -14.88
CA GLU B 51 -2.06 -1.62 -14.76
CA GLU B 51 -2.03 -1.64 -14.77
C GLU B 51 -2.03 -0.93 -16.12
C GLU B 51 -2.03 -0.93 -16.12
N ASP B 52 -2.51 0.31 -16.12
CA ASP B 52 -2.61 1.13 -17.33
C ASP B 52 -1.43 1.13 -18.30
N GLY B 53 -0.22 1.25 -17.76
CA GLY B 53 0.97 1.29 -18.59
C GLY B 53 1.40 0.04 -19.32
N ARG B 54 1.00 -1.14 -18.84
CA ARG B 54 1.40 -2.37 -19.49
C ARG B 54 0.48 -2.72 -20.66
N THR B 55 0.91 -3.67 -21.49
CA THR B 55 0.11 -4.06 -22.64
C THR B 55 -0.52 -5.44 -22.48
N LEU B 56 -1.46 -5.75 -23.36
CA LEU B 56 -2.11 -7.05 -23.31
C LEU B 56 -1.04 -8.13 -23.43
N SER B 57 -0.08 -7.91 -24.33
CA SER B 57 1.01 -8.87 -24.54
C SER B 57 1.79 -9.08 -23.24
N ASP B 58 2.06 -8.00 -22.52
CA ASP B 58 2.79 -8.08 -21.25
C ASP B 58 2.12 -9.04 -20.29
N TYR B 59 0.80 -9.06 -20.29
CA TYR B 59 0.05 -9.94 -19.41
C TYR B 59 -0.29 -11.25 -20.11
N ASN B 60 0.29 -11.45 -21.28
CA ASN B 60 0.05 -12.63 -22.09
C ASN B 60 -1.43 -12.85 -22.37
N ILE B 61 -2.10 -11.75 -22.71
CA ILE B 61 -3.52 -11.81 -23.04
C ILE B 61 -3.61 -12.04 -24.54
N GLN B 62 -4.08 -13.22 -24.92
CA GLN B 62 -4.19 -13.61 -26.32
C GLN B 62 -5.61 -13.49 -26.86
N LYS B 63 -5.79 -13.86 -28.13
CA LYS B 63 -7.09 -13.79 -28.77
C LYS B 63 -8.16 -14.56 -28.00
N GLU B 64 -9.34 -13.97 -27.92
CA GLU B 64 -10.48 -14.56 -27.23
C GLU B 64 -10.35 -14.69 -25.71
N SER B 65 -9.40 -13.97 -25.11
CA SER B 65 -9.24 -14.00 -23.67
C SER B 65 -10.39 -13.21 -23.05
N THR B 66 -10.73 -13.55 -21.81
CA THR B 66 -11.77 -12.83 -21.09
C THR B 66 -11.16 -12.09 -19.93
N LEU B 67 -11.46 -10.80 -19.83
CA LEU B 67 -10.98 -9.98 -18.72
C LEU B 67 -12.22 -9.69 -17.90
N HIS B 68 -12.03 -9.34 -16.63
CA HIS B 68 -13.14 -9.01 -15.76
C HIS B 68 -13.02 -7.54 -15.39
N LEU B 69 -14.15 -6.83 -15.47
CA LEU B 69 -14.20 -5.41 -15.18
C LEU B 69 -14.91 -5.12 -13.86
N VAL B 70 -14.19 -4.47 -12.94
CA VAL B 70 -14.70 -4.07 -11.63
C VAL B 70 -14.92 -2.56 -11.73
N LEU B 71 -16.04 -2.07 -11.20
CA LEU B 71 -16.34 -0.64 -11.29
C LEU B 71 -16.11 0.11 -9.99
N ARG B 72 -15.23 1.11 -10.05
CA ARG B 72 -14.90 1.92 -8.88
C ARG B 72 -15.87 3.09 -8.79
N LEU B 73 -17.08 2.76 -8.30
CA LEU B 73 -18.17 3.72 -8.18
C LEU B 73 -18.25 4.28 -6.76
N ARG B 74 -18.87 5.45 -6.61
CA ARG B 74 -19.00 6.06 -5.28
C ARG B 74 -20.42 6.01 -4.79
N GLY B 75 -20.58 5.50 -3.57
CA GLY B 75 -21.90 5.37 -2.99
C GLY B 75 -22.07 6.31 -1.81
N GLN C 4 41.98 7.93 -0.90
CA GLN C 4 41.31 8.94 -0.02
C GLN C 4 40.17 8.25 0.72
N ARG C 5 39.73 8.85 1.81
CA ARG C 5 38.64 8.26 2.59
C ARG C 5 37.57 9.30 2.89
N TRP C 6 36.32 8.90 2.75
CA TRP C 6 35.19 9.79 2.99
C TRP C 6 34.48 9.37 4.25
N LEU C 7 33.40 10.09 4.60
CA LEU C 7 32.61 9.76 5.77
C LEU C 7 31.40 8.94 5.34
N PRO C 8 30.94 8.02 6.21
CA PRO C 8 29.76 7.20 5.84
C PRO C 8 28.47 8.04 5.95
N LEU C 9 27.60 7.89 4.97
N LEU C 9 27.59 7.92 4.96
CA LEU C 9 26.34 8.62 4.88
CA LEU C 9 26.34 8.66 4.93
C LEU C 9 25.18 7.97 5.65
C LEU C 9 25.21 7.98 5.70
N GLU C 10 24.34 8.79 6.29
CA GLU C 10 23.21 8.24 7.02
C GLU C 10 22.07 7.85 6.07
N ALA C 11 21.51 6.64 6.27
CA ALA C 11 20.39 6.14 5.47
C ALA C 11 19.18 6.89 6.00
N ASN C 12 18.88 8.00 5.34
CA ASN C 12 17.83 8.91 5.81
C ASN C 12 17.35 9.68 4.58
N PRO C 13 16.04 9.60 4.25
CA PRO C 13 15.52 10.32 3.08
C PRO C 13 15.79 11.81 3.11
N GLU C 14 15.71 12.42 4.29
CA GLU C 14 15.97 13.84 4.37
C GLU C 14 17.39 14.10 3.86
N VAL C 15 18.32 13.27 4.31
CA VAL C 15 19.72 13.41 3.89
C VAL C 15 19.91 13.15 2.40
N THR C 16 19.40 12.01 1.93
CA THR C 16 19.56 11.67 0.53
C THR C 16 18.82 12.60 -0.41
N ASN C 17 17.65 13.10 -0.01
CA ASN C 17 16.94 14.01 -0.89
C ASN C 17 17.66 15.34 -0.98
N GLN C 18 18.24 15.79 0.13
CA GLN C 18 18.98 17.04 0.09
C GLN C 18 20.24 16.85 -0.77
N PHE C 19 20.85 15.68 -0.69
CA PHE C 19 22.03 15.39 -1.47
C PHE C 19 21.63 15.39 -2.97
N LEU C 20 20.51 14.76 -3.32
CA LEU C 20 20.09 14.78 -4.72
C LEU C 20 19.86 16.19 -5.22
N LYS C 21 19.27 17.04 -4.38
CA LYS C 21 19.05 18.43 -4.77
C LYS C 21 20.39 19.12 -4.99
N GLN C 22 21.33 18.93 -4.07
CA GLN C 22 22.64 19.58 -4.22
C GLN C 22 23.40 19.05 -5.42
N LEU C 23 23.11 17.82 -5.83
CA LEU C 23 23.75 17.25 -7.02
C LEU C 23 23.07 17.76 -8.30
N GLY C 24 22.02 18.56 -8.15
CA GLY C 24 21.37 19.11 -9.33
C GLY C 24 20.13 18.42 -9.87
N LEU C 25 19.50 17.55 -9.11
CA LEU C 25 18.29 16.91 -9.63
C LEU C 25 17.06 17.70 -9.23
N HIS C 26 16.18 17.99 -10.19
CA HIS C 26 14.93 18.66 -9.83
C HIS C 26 14.21 17.57 -9.04
N PRO C 27 13.56 17.93 -7.92
CA PRO C 27 12.85 16.96 -7.09
C PRO C 27 11.57 16.29 -7.55
N ASN C 28 11.62 15.72 -8.75
CA ASN C 28 10.50 15.00 -9.36
C ASN C 28 10.43 13.60 -8.78
N TRP C 29 11.51 13.20 -8.11
CA TRP C 29 11.61 11.90 -7.48
C TRP C 29 12.19 12.16 -6.10
N GLN C 30 11.68 11.44 -5.10
CA GLN C 30 12.15 11.63 -3.73
C GLN C 30 12.23 10.31 -3.01
N PHE C 31 13.24 10.17 -2.18
CA PHE C 31 13.36 8.96 -1.38
C PHE C 31 12.38 9.01 -0.22
N VAL C 32 11.87 7.84 0.12
CA VAL C 32 10.98 7.68 1.26
C VAL C 32 11.46 6.44 2.02
N ASP C 33 11.21 6.41 3.32
CA ASP C 33 11.58 5.28 4.13
C ASP C 33 10.68 4.09 3.76
N VAL C 34 11.19 2.89 4.01
CA VAL C 34 10.42 1.65 3.78
C VAL C 34 10.35 1.06 5.18
N TYR C 35 9.14 0.96 5.72
CA TYR C 35 8.94 0.48 7.08
C TYR C 35 8.89 -1.02 7.23
N GLY C 36 8.56 -1.70 6.14
CA GLY C 36 8.44 -3.14 6.19
C GLY C 36 8.36 -3.71 4.79
N MET C 37 8.43 -5.03 4.69
CA MET C 37 8.41 -5.69 3.40
C MET C 37 7.10 -6.36 2.99
N ASP C 38 6.09 -6.29 3.85
CA ASP C 38 4.79 -6.88 3.55
C ASP C 38 4.00 -5.92 2.68
N PRO C 39 2.97 -6.40 1.98
CA PRO C 39 2.14 -5.57 1.11
C PRO C 39 1.60 -4.29 1.73
N GLU C 40 1.09 -4.41 2.95
N GLU C 40 1.08 -4.40 2.95
CA GLU C 40 0.51 -3.27 3.67
CA GLU C 40 0.51 -3.24 3.63
C GLU C 40 1.52 -2.13 3.85
C GLU C 40 1.53 -2.12 3.80
N LEU C 41 2.72 -2.46 4.30
CA LEU C 41 3.74 -1.44 4.51
C LEU C 41 4.32 -0.93 3.19
N LEU C 42 4.45 -1.81 2.20
CA LEU C 42 4.98 -1.38 0.90
C LEU C 42 3.96 -0.51 0.18
N SER C 43 2.68 -0.65 0.54
CA SER C 43 1.65 0.15 -0.10
C SER C 43 1.77 1.62 0.29
N MET C 44 2.53 1.90 1.35
N MET C 44 2.53 1.90 1.35
CA MET C 44 2.71 3.27 1.80
CA MET C 44 2.73 3.27 1.81
C MET C 44 3.74 4.02 0.95
C MET C 44 3.74 4.02 0.95
N VAL C 45 4.51 3.27 0.18
CA VAL C 45 5.52 3.86 -0.69
C VAL C 45 4.85 4.40 -1.93
N PRO C 46 5.05 5.68 -2.25
CA PRO C 46 4.43 6.27 -3.45
C PRO C 46 4.92 5.56 -4.70
N ARG C 47 4.07 5.46 -5.72
CA ARG C 47 4.42 4.81 -6.97
C ARG C 47 4.37 5.83 -8.10
N PRO C 48 5.17 5.63 -9.15
CA PRO C 48 6.10 4.51 -9.32
C PRO C 48 7.39 4.67 -8.52
N VAL C 49 8.14 3.58 -8.45
CA VAL C 49 9.43 3.54 -7.75
C VAL C 49 10.44 3.16 -8.81
N CYS C 50 11.56 3.87 -8.88
CA CYS C 50 12.54 3.52 -9.90
C CYS C 50 13.88 3.01 -9.33
N ALA C 51 14.01 3.02 -8.01
CA ALA C 51 15.23 2.49 -7.39
C ALA C 51 15.02 2.25 -5.90
N VAL C 52 15.77 1.31 -5.38
CA VAL C 52 15.75 1.03 -3.96
C VAL C 52 17.22 1.02 -3.54
N LEU C 53 17.52 1.72 -2.46
CA LEU C 53 18.85 1.73 -1.91
C LEU C 53 18.78 0.93 -0.64
N LEU C 54 19.64 -0.08 -0.55
CA LEU C 54 19.66 -0.92 0.64
C LEU C 54 20.95 -0.75 1.44
N LEU C 55 20.81 -0.51 2.75
CA LEU C 55 21.97 -0.44 3.64
C LEU C 55 21.93 -1.79 4.34
N PHE C 56 23.07 -2.49 4.39
CA PHE C 56 23.12 -3.80 5.04
C PHE C 56 24.51 -4.00 5.63
N PRO C 57 24.67 -5.01 6.48
CA PRO C 57 25.97 -5.25 7.10
C PRO C 57 26.92 -6.15 6.34
N ILE C 58 28.16 -5.70 6.15
N ILE C 58 28.16 -5.68 6.22
CA ILE C 58 29.15 -6.51 5.45
CA ILE C 58 29.21 -6.42 5.54
C ILE C 58 29.94 -7.34 6.45
C ILE C 58 29.91 -7.28 6.59
N THR C 59 29.23 -8.33 7.01
CA THR C 59 29.75 -9.27 8.01
C THR C 59 30.65 -10.30 7.34
N GLU C 60 31.32 -11.11 8.14
CA GLU C 60 32.19 -12.12 7.55
C GLU C 60 31.33 -13.14 6.80
N LYS C 61 30.14 -13.41 7.32
CA LYS C 61 29.23 -14.35 6.68
C LYS C 61 28.85 -13.80 5.29
N TYR C 62 28.60 -12.50 5.23
CA TYR C 62 28.26 -11.89 3.95
C TYR C 62 29.44 -11.99 2.99
N GLU C 63 30.65 -11.71 3.48
CA GLU C 63 31.81 -11.76 2.61
C GLU C 63 32.04 -13.14 1.98
N VAL C 64 31.76 -14.20 2.72
CA VAL C 64 31.91 -15.54 2.17
C VAL C 64 30.93 -15.69 1.00
N PHE C 65 29.70 -15.26 1.19
CA PHE C 65 28.71 -15.34 0.13
C PHE C 65 29.14 -14.52 -1.08
N ARG C 66 29.64 -13.31 -0.83
CA ARG C 66 30.08 -12.44 -1.92
C ARG C 66 31.17 -13.10 -2.75
N THR C 67 32.14 -13.70 -2.08
N THR C 67 32.13 -13.71 -2.06
CA THR C 67 33.23 -14.36 -2.80
CA THR C 67 33.22 -14.39 -2.75
C THR C 67 32.71 -15.51 -3.65
C THR C 67 32.71 -15.52 -3.64
N GLU C 68 31.75 -16.26 -3.13
CA GLU C 68 31.16 -17.39 -3.86
C GLU C 68 30.32 -16.94 -5.04
N GLU C 69 29.56 -15.86 -4.86
CA GLU C 69 28.73 -15.33 -5.93
C GLU C 69 29.62 -14.88 -7.07
N GLU C 70 30.72 -14.22 -6.71
CA GLU C 70 31.64 -13.73 -7.74
C GLU C 70 32.20 -14.86 -8.58
N GLU C 71 32.65 -15.92 -7.93
CA GLU C 71 33.21 -17.04 -8.68
C GLU C 71 32.12 -17.77 -9.47
N LYS C 72 30.91 -17.83 -8.95
CA LYS C 72 29.84 -18.50 -9.70
C LYS C 72 29.55 -17.75 -11.00
N ILE C 73 29.42 -16.43 -10.90
CA ILE C 73 29.13 -15.63 -12.09
C ILE C 73 30.29 -15.64 -13.07
N LYS C 74 31.52 -15.58 -12.57
CA LYS C 74 32.65 -15.61 -13.47
C LYS C 74 32.77 -16.96 -14.20
N SER C 75 32.50 -18.04 -13.47
CA SER C 75 32.64 -19.37 -14.05
C SER C 75 31.44 -19.88 -14.82
N GLN C 76 30.25 -19.41 -14.50
CA GLN C 76 29.04 -19.86 -15.17
C GLN C 76 28.33 -18.83 -16.04
N GLY C 77 28.75 -17.56 -15.90
CA GLY C 77 28.17 -16.49 -16.69
C GLY C 77 26.85 -15.92 -16.21
N GLN C 78 26.50 -14.77 -16.74
CA GLN C 78 25.23 -14.12 -16.45
C GLN C 78 25.01 -13.13 -17.57
N ASP C 79 23.78 -12.65 -17.69
N ASP C 79 23.77 -12.66 -17.71
CA ASP C 79 23.47 -11.67 -18.72
CA ASP C 79 23.49 -11.67 -18.74
C ASP C 79 23.37 -10.29 -18.07
C ASP C 79 23.34 -10.29 -18.12
N VAL C 80 24.04 -9.31 -18.68
CA VAL C 80 23.98 -7.94 -18.18
C VAL C 80 23.84 -7.10 -19.43
N THR C 81 22.71 -6.42 -19.57
CA THR C 81 22.50 -5.59 -20.75
C THR C 81 23.50 -4.46 -20.83
N SER C 82 23.88 -4.12 -22.05
CA SER C 82 24.87 -3.06 -22.24
C SER C 82 24.40 -1.68 -21.76
N SER C 83 23.09 -1.48 -21.61
CA SER C 83 22.63 -0.16 -21.16
C SER C 83 22.80 0.11 -19.67
N VAL C 84 23.13 -0.91 -18.88
CA VAL C 84 23.34 -0.69 -17.45
C VAL C 84 24.57 0.18 -17.21
N TYR C 85 24.45 1.19 -16.35
CA TYR C 85 25.58 2.06 -15.98
C TYR C 85 26.11 1.51 -14.66
N PHE C 86 27.38 1.10 -14.66
CA PHE C 86 28.00 0.54 -13.48
C PHE C 86 29.35 1.22 -13.21
N MET C 87 29.63 1.50 -11.95
CA MET C 87 30.92 2.08 -11.58
C MET C 87 31.42 1.35 -10.34
N LYS C 88 32.74 1.19 -10.27
CA LYS C 88 33.36 0.51 -9.13
C LYS C 88 33.66 1.47 -7.99
N GLN C 89 33.87 0.91 -6.81
CA GLN C 89 34.18 1.69 -5.63
C GLN C 89 35.67 1.58 -5.29
N THR C 90 36.37 2.70 -5.32
CA THR C 90 37.78 2.72 -5.00
C THR C 90 38.07 3.69 -3.87
N ILE C 91 37.01 4.30 -3.35
CA ILE C 91 37.11 5.26 -2.27
C ILE C 91 36.41 4.68 -1.07
N SER C 92 37.16 4.59 0.01
CA SER C 92 36.63 4.08 1.25
C SER C 92 35.46 4.97 1.69
N ASN C 93 34.35 4.33 2.02
CA ASN C 93 33.13 5.02 2.49
C ASN C 93 32.36 5.82 1.48
N ALA C 94 32.67 5.68 0.20
CA ALA C 94 31.97 6.44 -0.82
C ALA C 94 30.70 5.70 -1.29
N CYS C 95 30.40 4.57 -0.67
CA CYS C 95 29.25 3.79 -1.10
C CYS C 95 27.91 4.52 -1.19
N GLY C 96 27.67 5.51 -0.33
CA GLY C 96 26.41 6.23 -0.39
C GLY C 96 26.31 7.02 -1.68
N THR C 97 27.41 7.68 -2.04
CA THR C 97 27.44 8.45 -3.27
C THR C 97 27.30 7.52 -4.47
N ILE C 98 28.03 6.40 -4.47
CA ILE C 98 27.96 5.46 -5.60
C ILE C 98 26.55 4.88 -5.74
N GLY C 99 25.88 4.67 -4.60
CA GLY C 99 24.51 4.15 -4.65
C GLY C 99 23.60 5.16 -5.34
N LEU C 100 23.77 6.45 -5.01
CA LEU C 100 22.96 7.49 -5.62
C LEU C 100 23.28 7.62 -7.10
N ILE C 101 24.56 7.57 -7.45
CA ILE C 101 24.92 7.66 -8.86
C ILE C 101 24.29 6.51 -9.64
N HIS C 102 24.37 5.30 -9.08
CA HIS C 102 23.78 4.15 -9.77
C HIS C 102 22.26 4.31 -9.93
N ALA C 103 21.59 4.83 -8.90
CA ALA C 103 20.14 4.98 -8.99
C ALA C 103 19.73 6.01 -10.03
N ILE C 104 20.47 7.12 -10.12
CA ILE C 104 20.13 8.16 -11.08
C ILE C 104 20.59 7.78 -12.49
N ALA C 105 21.83 7.32 -12.62
CA ALA C 105 22.35 6.99 -13.95
C ALA C 105 21.51 5.98 -14.71
N ASN C 106 20.92 5.03 -13.99
CA ASN C 106 20.13 4.00 -14.65
C ASN C 106 18.67 4.35 -14.84
N ASN C 107 18.32 5.59 -14.50
CA ASN C 107 16.94 6.08 -14.65
C ASN C 107 16.98 7.49 -15.23
N LYS C 108 18.11 7.80 -15.86
CA LYS C 108 18.36 9.09 -16.45
C LYS C 108 17.21 9.70 -17.26
N ASP C 109 16.59 8.90 -18.12
CA ASP C 109 15.51 9.44 -18.94
C ASP C 109 14.24 9.81 -18.18
N LYS C 110 14.15 9.41 -16.91
CA LYS C 110 12.96 9.72 -16.10
C LYS C 110 13.24 10.94 -15.23
N MET C 111 14.47 11.42 -15.28
CA MET C 111 14.90 12.52 -14.44
C MET C 111 14.98 13.84 -15.18
N HIS C 112 14.93 14.94 -14.43
CA HIS C 112 15.10 16.25 -15.04
C HIS C 112 16.19 16.93 -14.24
N PHE C 113 17.35 17.11 -14.85
CA PHE C 113 18.47 17.74 -14.19
C PHE C 113 18.36 19.25 -14.31
N GLU C 114 18.83 19.93 -13.28
CA GLU C 114 18.88 21.38 -13.31
C GLU C 114 20.04 21.72 -14.25
N SER C 115 20.04 22.95 -14.76
N SER C 115 20.03 22.92 -14.83
CA SER C 115 21.14 23.39 -15.60
CA SER C 115 21.07 23.32 -15.77
C SER C 115 22.22 23.64 -14.55
C SER C 115 22.52 23.17 -15.29
N GLY C 116 23.43 23.16 -14.80
N GLY C 116 22.80 23.61 -14.06
CA GLY C 116 24.49 23.35 -13.84
CA GLY C 116 24.16 23.52 -13.56
C GLY C 116 24.66 22.14 -12.94
C GLY C 116 24.41 22.31 -12.68
N SER C 117 23.69 21.22 -12.96
CA SER C 117 23.80 20.00 -12.15
C SER C 117 25.18 19.35 -12.22
N THR C 118 25.76 19.11 -11.04
N THR C 118 25.78 19.11 -11.06
CA THR C 118 27.07 18.49 -10.92
CA THR C 118 27.10 18.50 -11.03
C THR C 118 27.01 17.04 -11.40
C THR C 118 27.01 17.03 -11.45
N LEU C 119 25.94 16.36 -11.05
CA LEU C 119 25.79 14.96 -11.44
C LEU C 119 25.53 14.83 -12.94
N LYS C 120 24.78 15.77 -13.49
CA LYS C 120 24.53 15.73 -14.93
C LYS C 120 25.87 15.74 -15.66
N LYS C 121 26.75 16.64 -15.23
CA LYS C 121 28.08 16.77 -15.83
C LYS C 121 28.89 15.49 -15.67
N PHE C 122 28.88 14.93 -14.47
CA PHE C 122 29.60 13.69 -14.19
C PHE C 122 29.15 12.56 -15.10
N LEU C 123 27.83 12.40 -15.26
CA LEU C 123 27.30 11.35 -16.10
C LEU C 123 27.61 11.58 -17.57
N GLU C 124 27.55 12.82 -18.01
CA GLU C 124 27.83 13.11 -19.41
C GLU C 124 29.29 12.81 -19.74
N GLU C 125 30.18 13.14 -18.81
N GLU C 125 30.19 13.14 -18.81
CA GLU C 125 31.61 12.93 -18.98
CA GLU C 125 31.61 12.91 -19.02
C GLU C 125 32.09 11.50 -18.77
C GLU C 125 32.07 11.48 -18.81
N SER C 126 31.25 10.66 -18.15
CA SER C 126 31.64 9.28 -17.87
C SER C 126 30.81 8.25 -18.63
N VAL C 127 29.99 8.73 -19.56
CA VAL C 127 29.11 7.86 -20.34
C VAL C 127 29.85 6.72 -21.05
N SER C 128 31.02 6.99 -21.58
CA SER C 128 31.78 5.99 -22.32
C SER C 128 32.92 5.36 -21.54
N MET C 129 33.03 5.70 -20.27
CA MET C 129 34.08 5.15 -19.44
C MET C 129 33.71 3.75 -18.95
N SER C 130 34.73 2.93 -18.68
CA SER C 130 34.49 1.59 -18.15
C SER C 130 34.18 1.81 -16.66
N PRO C 131 33.67 0.78 -15.98
CA PRO C 131 33.37 0.91 -14.54
C PRO C 131 34.60 1.33 -13.74
N GLU C 132 35.76 0.81 -14.13
CA GLU C 132 37.04 1.12 -13.49
C GLU C 132 37.42 2.59 -13.71
N GLU C 133 37.24 3.06 -14.94
CA GLU C 133 37.56 4.45 -15.25
C GLU C 133 36.63 5.40 -14.51
N ARG C 134 35.37 4.99 -14.36
CA ARG C 134 34.41 5.81 -13.64
C ARG C 134 34.82 5.99 -12.19
N ALA C 135 35.34 4.91 -11.58
CA ALA C 135 35.80 4.95 -10.20
C ALA C 135 36.97 5.93 -10.08
N ARG C 136 37.90 5.87 -11.03
CA ARG C 136 39.05 6.78 -10.97
C ARG C 136 38.60 8.23 -11.17
N TYR C 137 37.60 8.41 -12.03
CA TYR C 137 37.08 9.74 -12.29
C TYR C 137 36.48 10.33 -11.00
N LEU C 138 35.76 9.51 -10.23
CA LEU C 138 35.16 10.01 -8.99
C LEU C 138 36.25 10.44 -7.99
N GLU C 139 37.39 9.76 -8.01
CA GLU C 139 38.50 10.09 -7.11
C GLU C 139 39.02 11.52 -7.29
N ASN C 140 38.74 12.10 -8.45
CA ASN C 140 39.21 13.45 -8.75
C ASN C 140 38.08 14.45 -8.96
N TYR C 141 36.84 14.02 -8.75
CA TYR C 141 35.67 14.89 -8.95
C TYR C 141 35.33 15.60 -7.65
N ASP C 142 36.05 16.70 -7.39
CA ASP C 142 35.89 17.45 -6.16
C ASP C 142 34.47 17.86 -5.81
N ALA C 143 33.67 18.27 -6.79
CA ALA C 143 32.32 18.72 -6.50
C ALA C 143 31.48 17.67 -5.77
N ILE C 144 31.61 16.41 -6.16
CA ILE C 144 30.85 15.37 -5.49
C ILE C 144 31.50 15.01 -4.16
N ARG C 145 32.82 15.05 -4.07
CA ARG C 145 33.45 14.77 -2.78
C ARG C 145 32.99 15.80 -1.74
N VAL C 146 32.93 17.07 -2.13
CA VAL C 146 32.52 18.09 -1.18
C VAL C 146 31.05 17.99 -0.78
N THR C 147 30.19 17.71 -1.75
N THR C 147 30.18 17.71 -1.75
CA THR C 147 28.77 17.58 -1.47
CA THR C 147 28.76 17.60 -1.44
C THR C 147 28.50 16.38 -0.57
C THR C 147 28.47 16.37 -0.58
N HIS C 148 29.22 15.29 -0.82
CA HIS C 148 29.05 14.08 -0.02
C HIS C 148 29.46 14.39 1.43
N GLU C 149 30.57 15.10 1.61
CA GLU C 149 31.04 15.44 2.95
C GLU C 149 30.01 16.29 3.68
N THR C 150 29.44 17.28 2.98
CA THR C 150 28.43 18.13 3.59
C THR C 150 27.22 17.29 4.00
N SER C 151 26.83 16.37 3.11
N SER C 151 26.80 16.37 3.12
CA SER C 151 25.70 15.50 3.36
CA SER C 151 25.66 15.53 3.44
C SER C 151 25.97 14.56 4.53
C SER C 151 25.97 14.58 4.58
N ALA C 152 27.24 14.18 4.71
CA ALA C 152 27.64 13.27 5.79
C ALA C 152 27.42 13.89 7.16
N HIS C 153 27.43 15.22 7.24
CA HIS C 153 27.22 15.85 8.55
C HIS C 153 25.76 16.03 8.89
N GLU C 154 24.87 15.72 7.95
CA GLU C 154 23.45 15.83 8.18
C GLU C 154 22.93 14.50 8.71
N GLY C 155 21.71 14.51 9.25
CA GLY C 155 21.13 13.30 9.77
C GLY C 155 20.82 13.43 11.24
N GLN C 156 20.20 12.41 11.81
CA GLN C 156 19.90 12.50 13.23
C GLN C 156 21.10 12.10 14.08
N THR C 157 22.10 11.47 13.46
CA THR C 157 23.30 11.07 14.21
C THR C 157 24.47 11.95 13.79
N GLU C 158 25.46 12.10 14.67
CA GLU C 158 26.62 12.91 14.28
C GLU C 158 27.56 12.01 13.49
N ALA C 159 28.29 12.62 12.57
CA ALA C 159 29.25 11.87 11.75
C ALA C 159 30.36 11.31 12.65
N PRO C 160 30.84 10.10 12.34
CA PRO C 160 31.90 9.43 13.10
C PRO C 160 33.28 9.92 12.70
N SER C 161 34.30 9.51 13.46
CA SER C 161 35.69 9.85 13.15
C SER C 161 35.95 9.12 11.83
N ILE C 162 36.71 9.74 10.94
CA ILE C 162 36.95 9.13 9.64
C ILE C 162 37.71 7.82 9.60
N ASP C 163 38.57 7.57 10.57
CA ASP C 163 39.33 6.32 10.58
C ASP C 163 38.63 5.18 11.31
N GLU C 164 37.44 5.45 11.83
CA GLU C 164 36.67 4.45 12.53
C GLU C 164 36.23 3.39 11.51
N LYS C 165 36.26 2.12 11.92
CA LYS C 165 35.85 1.03 11.03
C LYS C 165 34.37 1.16 10.69
N VAL C 166 34.02 0.88 9.43
CA VAL C 166 32.64 0.93 8.99
C VAL C 166 32.29 -0.43 8.44
N ASP C 167 31.21 -1.04 8.96
CA ASP C 167 30.83 -2.37 8.48
C ASP C 167 29.44 -2.44 7.91
N LEU C 168 28.93 -1.29 7.44
CA LEU C 168 27.61 -1.18 6.82
C LEU C 168 27.86 -0.61 5.42
N HIS C 169 27.09 -1.10 4.45
CA HIS C 169 27.27 -0.74 3.04
C HIS C 169 25.94 -0.45 2.35
N PHE C 170 25.99 0.37 1.31
CA PHE C 170 24.82 0.73 0.49
C PHE C 170 24.95 0.12 -0.91
N ILE C 171 23.85 -0.42 -1.42
CA ILE C 171 23.80 -0.93 -2.79
C ILE C 171 22.49 -0.41 -3.41
N ALA C 172 22.46 -0.36 -4.74
CA ALA C 172 21.28 0.11 -5.46
C ALA C 172 20.65 -1.05 -6.24
N LEU C 173 19.32 -1.04 -6.29
CA LEU C 173 18.56 -2.04 -7.02
C LEU C 173 17.72 -1.28 -8.04
N VAL C 174 17.88 -1.63 -9.31
CA VAL C 174 17.17 -0.94 -10.36
C VAL C 174 16.65 -1.89 -11.44
N HIS C 175 15.72 -1.40 -12.23
CA HIS C 175 15.17 -2.17 -13.34
C HIS C 175 15.74 -1.64 -14.65
N VAL C 176 16.36 -2.51 -15.44
CA VAL C 176 16.87 -2.09 -16.74
C VAL C 176 16.55 -3.17 -17.75
N ASP C 177 15.83 -2.77 -18.81
CA ASP C 177 15.43 -3.66 -19.90
C ASP C 177 14.93 -5.03 -19.47
N GLY C 178 13.95 -5.05 -18.58
CA GLY C 178 13.37 -6.31 -18.16
C GLY C 178 14.00 -7.08 -17.03
N HIS C 179 15.14 -6.64 -16.53
CA HIS C 179 15.80 -7.31 -15.42
C HIS C 179 16.13 -6.40 -14.25
N LEU C 180 16.22 -7.02 -13.08
CA LEU C 180 16.54 -6.37 -11.81
C LEU C 180 18.04 -6.49 -11.59
N TYR C 181 18.73 -5.36 -11.48
CA TYR C 181 20.17 -5.37 -11.27
C TYR C 181 20.55 -4.78 -9.92
N GLU C 182 21.46 -5.48 -9.24
CA GLU C 182 22.01 -5.01 -7.98
C GLU C 182 23.31 -4.38 -8.42
N LEU C 183 23.52 -3.12 -8.05
CA LEU C 183 24.71 -2.39 -8.40
C LEU C 183 25.48 -2.08 -7.11
N ASP C 184 26.63 -2.71 -6.99
CA ASP C 184 27.50 -2.63 -5.82
C ASP C 184 28.90 -2.41 -6.33
N GLY C 185 29.46 -1.23 -6.05
CA GLY C 185 30.80 -0.91 -6.51
C GLY C 185 31.92 -1.79 -5.96
N ARG C 186 31.63 -2.57 -4.92
CA ARG C 186 32.66 -3.46 -4.36
C ARG C 186 32.78 -4.74 -5.18
N LYS C 187 31.78 -4.98 -6.04
CA LYS C 187 31.77 -6.20 -6.85
C LYS C 187 32.33 -5.92 -8.23
N PRO C 188 32.69 -6.97 -8.98
CA PRO C 188 33.25 -6.75 -10.32
C PRO C 188 32.26 -6.45 -11.43
N PHE C 189 30.97 -6.55 -11.13
CA PHE C 189 29.94 -6.33 -12.13
C PHE C 189 28.57 -6.23 -11.49
N PRO C 190 27.57 -5.79 -12.26
CA PRO C 190 26.20 -5.70 -11.74
C PRO C 190 25.82 -7.16 -11.48
N ILE C 191 24.82 -7.39 -10.65
CA ILE C 191 24.35 -8.76 -10.41
C ILE C 191 22.92 -8.79 -10.96
N ASN C 192 22.67 -9.67 -11.93
CA ASN C 192 21.33 -9.81 -12.52
C ASN C 192 20.53 -10.72 -11.60
N HIS C 193 19.47 -10.18 -11.03
CA HIS C 193 18.61 -10.93 -10.12
C HIS C 193 17.31 -11.40 -10.77
N GLY C 194 17.27 -11.44 -12.08
CA GLY C 194 16.04 -11.92 -12.72
C GLY C 194 15.13 -10.85 -13.28
N GLU C 195 13.98 -11.29 -13.77
N GLU C 195 13.97 -11.29 -13.77
CA GLU C 195 12.99 -10.39 -14.37
CA GLU C 195 13.00 -10.38 -14.37
C GLU C 195 12.31 -9.44 -13.41
C GLU C 195 12.34 -9.42 -13.40
N THR C 196 11.94 -8.28 -13.94
CA THR C 196 11.22 -7.24 -13.20
C THR C 196 10.68 -6.28 -14.25
N SER C 197 9.87 -5.32 -13.80
CA SER C 197 9.31 -4.33 -14.72
C SER C 197 9.16 -3.04 -13.93
N ASP C 198 8.83 -1.95 -14.62
CA ASP C 198 8.65 -0.66 -13.97
C ASP C 198 7.61 -0.75 -12.85
N GLU C 199 6.54 -1.47 -13.13
CA GLU C 199 5.44 -1.63 -12.18
C GLU C 199 5.68 -2.53 -10.98
N THR C 200 6.65 -3.42 -11.07
CA THR C 200 6.90 -4.34 -9.96
C THR C 200 8.29 -4.21 -9.35
N LEU C 201 9.02 -3.17 -9.71
CA LEU C 201 10.37 -3.00 -9.18
C LEU C 201 10.46 -2.99 -7.67
N LEU C 202 9.57 -2.25 -7.01
CA LEU C 202 9.64 -2.19 -5.56
C LEU C 202 9.51 -3.58 -4.94
N GLU C 203 8.48 -4.31 -5.36
CA GLU C 203 8.28 -5.65 -4.82
C GLU C 203 9.42 -6.59 -5.15
N ASP C 204 9.90 -6.53 -6.38
CA ASP C 204 10.98 -7.42 -6.78
C ASP C 204 12.29 -7.08 -6.09
N ALA C 205 12.56 -5.78 -5.89
CA ALA C 205 13.77 -5.35 -5.21
C ALA C 205 13.69 -5.79 -3.75
N ILE C 206 12.52 -5.64 -3.15
CA ILE C 206 12.37 -6.04 -1.77
C ILE C 206 12.64 -7.55 -1.60
N GLU C 207 12.32 -8.36 -2.61
CA GLU C 207 12.60 -9.78 -2.51
C GLU C 207 14.10 -10.01 -2.44
N VAL C 208 14.89 -9.21 -3.14
CA VAL C 208 16.34 -9.36 -3.07
C VAL C 208 16.80 -8.94 -1.68
N CYS C 209 16.23 -7.85 -1.16
CA CYS C 209 16.58 -7.37 0.18
C CYS C 209 16.32 -8.46 1.20
N LYS C 210 15.18 -9.14 1.05
CA LYS C 210 14.82 -10.22 1.97
C LYS C 210 15.86 -11.32 1.93
N LYS C 211 16.42 -11.61 0.74
CA LYS C 211 17.46 -12.63 0.64
C LYS C 211 18.68 -12.24 1.45
N PHE C 212 19.05 -10.96 1.42
CA PHE C 212 20.21 -10.50 2.17
C PHE C 212 19.98 -10.71 3.67
N MET C 213 18.77 -10.40 4.11
CA MET C 213 18.42 -10.51 5.50
C MET C 213 18.35 -11.94 5.97
N GLU C 214 17.72 -12.79 5.18
N GLU C 214 17.71 -12.80 5.19
CA GLU C 214 17.57 -14.17 5.59
CA GLU C 214 17.57 -14.19 5.59
C GLU C 214 18.88 -14.93 5.65
C GLU C 214 18.89 -14.95 5.67
N ARG C 215 19.90 -14.46 4.93
N ARG C 215 19.91 -14.50 4.94
CA ARG C 215 21.18 -15.16 4.98
CA ARG C 215 21.18 -15.20 5.02
C ARG C 215 22.08 -14.64 6.11
C ARG C 215 22.07 -14.66 6.13
N ASP C 216 21.58 -13.64 6.84
CA ASP C 216 22.32 -13.05 7.99
C ASP C 216 21.19 -12.79 9.00
N PRO C 217 20.48 -13.85 9.40
CA PRO C 217 19.36 -13.80 10.33
C PRO C 217 19.55 -13.17 11.69
N ASP C 218 20.79 -13.08 12.16
CA ASP C 218 21.03 -12.48 13.47
C ASP C 218 21.26 -10.98 13.41
N GLU C 219 21.23 -10.43 12.19
CA GLU C 219 21.42 -9.01 11.99
C GLU C 219 20.11 -8.24 11.83
N LEU C 220 20.04 -7.06 12.47
CA LEU C 220 18.88 -6.20 12.36
C LEU C 220 19.26 -4.94 11.60
N ARG C 221 20.57 -4.76 11.40
CA ARG C 221 21.09 -3.55 10.78
C ARG C 221 20.88 -3.39 9.28
N PHE C 222 19.64 -3.14 8.91
CA PHE C 222 19.26 -2.94 7.51
C PHE C 222 18.38 -1.72 7.41
N ASN C 223 18.43 -1.06 6.26
CA ASN C 223 17.59 0.08 6.00
C ASN C 223 17.40 0.14 4.50
N ALA C 224 16.15 0.38 4.08
CA ALA C 224 15.85 0.48 2.67
C ALA C 224 15.11 1.78 2.44
N ILE C 225 15.52 2.52 1.41
CA ILE C 225 14.81 3.72 1.03
C ILE C 225 14.44 3.55 -0.44
N ALA C 226 13.26 4.03 -0.81
CA ALA C 226 12.77 3.89 -2.19
C ALA C 226 12.68 5.22 -2.88
N LEU C 227 13.17 5.28 -4.11
CA LEU C 227 13.15 6.52 -4.89
C LEU C 227 11.80 6.48 -5.62
N SER C 228 10.86 7.25 -5.08
N SER C 228 10.87 7.26 -5.07
CA SER C 228 9.50 7.30 -5.62
CA SER C 228 9.49 7.33 -5.58
C SER C 228 9.14 8.61 -6.28
C SER C 228 9.13 8.63 -6.27
N ALA C 229 8.13 8.55 -7.14
CA ALA C 229 7.68 9.74 -7.86
C ALA C 229 7.17 10.76 -6.85
N ALA C 230 7.43 12.03 -7.12
CA ALA C 230 7.01 13.11 -6.23
C ALA C 230 6.89 14.40 -7.04
N MET D 1 2.57 -2.29 30.82
CA MET D 1 1.89 -2.85 29.62
C MET D 1 2.96 -3.21 28.59
N GLN D 2 2.56 -4.00 27.60
CA GLN D 2 3.48 -4.37 26.54
C GLN D 2 3.17 -3.58 25.28
N ILE D 3 4.21 -3.24 24.53
CA ILE D 3 4.04 -2.62 23.23
C ILE D 3 4.95 -3.39 22.28
N PHE D 4 4.69 -3.28 21.00
CA PHE D 4 5.45 -3.99 19.99
C PHE D 4 6.16 -3.01 19.09
N VAL D 5 7.40 -3.35 18.75
CA VAL D 5 8.18 -2.50 17.87
C VAL D 5 8.59 -3.37 16.70
N LYS D 6 8.18 -2.98 15.51
CA LYS D 6 8.49 -3.74 14.31
C LYS D 6 9.64 -3.11 13.55
N THR D 7 10.47 -3.96 12.97
CA THR D 7 11.63 -3.52 12.20
C THR D 7 11.47 -3.86 10.72
N LEU D 8 12.35 -3.31 9.91
CA LEU D 8 12.33 -3.57 8.48
C LEU D 8 12.44 -5.06 8.18
N THR D 9 13.28 -5.77 8.93
CA THR D 9 13.47 -7.20 8.69
C THR D 9 12.25 -8.03 9.06
N GLY D 10 11.25 -7.40 9.68
CA GLY D 10 10.05 -8.12 10.04
C GLY D 10 10.06 -8.65 11.45
N LYS D 11 11.13 -8.36 12.19
CA LYS D 11 11.18 -8.82 13.57
C LYS D 11 10.31 -7.94 14.46
N THR D 12 9.69 -8.58 15.44
CA THR D 12 8.85 -7.85 16.39
C THR D 12 9.55 -7.86 17.74
N ILE D 13 9.78 -6.67 18.28
CA ILE D 13 10.43 -6.54 19.58
C ILE D 13 9.34 -6.20 20.59
N THR D 14 9.21 -7.00 21.64
CA THR D 14 8.21 -6.75 22.66
C THR D 14 8.85 -6.04 23.84
N LEU D 15 8.27 -4.92 24.24
CA LEU D 15 8.80 -4.14 25.35
C LEU D 15 7.80 -4.06 26.50
N GLU D 16 8.33 -3.97 27.71
CA GLU D 16 7.52 -3.81 28.92
C GLU D 16 7.68 -2.33 29.24
N VAL D 17 6.57 -1.58 29.21
CA VAL D 17 6.64 -0.15 29.45
C VAL D 17 5.46 0.34 30.27
N GLU D 18 5.51 1.62 30.61
CA GLU D 18 4.43 2.28 31.33
C GLU D 18 4.11 3.54 30.53
N PRO D 19 2.87 4.05 30.64
CA PRO D 19 2.56 5.27 29.88
C PRO D 19 3.46 6.47 30.15
N SER D 20 4.05 6.54 31.36
CA SER D 20 4.93 7.65 31.72
C SER D 20 6.35 7.49 31.20
N ASP D 21 6.64 6.38 30.52
CA ASP D 21 7.98 6.17 29.98
C ASP D 21 8.22 7.20 28.87
N THR D 22 9.42 7.76 28.85
CA THR D 22 9.76 8.72 27.81
C THR D 22 10.19 7.93 26.61
N ILE D 23 10.17 8.57 25.45
CA ILE D 23 10.60 7.89 24.24
C ILE D 23 12.06 7.49 24.39
N GLU D 24 12.84 8.29 25.13
CA GLU D 24 14.24 7.97 25.37
C GLU D 24 14.33 6.67 26.18
N ASN D 25 13.43 6.50 27.14
CA ASN D 25 13.40 5.29 27.95
C ASN D 25 13.09 4.08 27.06
N VAL D 26 12.17 4.28 26.11
CA VAL D 26 11.79 3.20 25.20
C VAL D 26 12.98 2.83 24.31
N LYS D 27 13.73 3.83 23.84
CA LYS D 27 14.88 3.54 23.00
C LYS D 27 15.95 2.80 23.83
N ALA D 28 16.07 3.15 25.10
CA ALA D 28 17.04 2.47 25.96
C ALA D 28 16.64 1.01 26.10
N LYS D 29 15.33 0.74 26.17
CA LYS D 29 14.85 -0.62 26.28
C LYS D 29 15.11 -1.40 25.01
N ILE D 30 15.00 -0.74 23.86
CA ILE D 30 15.26 -1.41 22.60
C ILE D 30 16.76 -1.72 22.53
N GLN D 31 17.58 -0.80 23.01
CA GLN D 31 19.03 -1.00 23.01
C GLN D 31 19.40 -2.20 23.87
N ASP D 32 18.72 -2.34 25.01
CA ASP D 32 18.99 -3.45 25.91
C ASP D 32 18.73 -4.78 25.23
N LYS D 33 17.68 -4.82 24.40
CA LYS D 33 17.35 -6.06 23.71
C LYS D 33 18.02 -6.30 22.37
N GLU D 34 18.37 -5.24 21.67
CA GLU D 34 18.95 -5.40 20.34
C GLU D 34 20.31 -4.78 20.11
N GLY D 35 20.78 -3.98 21.05
CA GLY D 35 22.11 -3.38 20.92
C GLY D 35 22.22 -2.14 20.04
N ILE D 36 21.09 -1.67 19.53
CA ILE D 36 21.11 -0.47 18.69
C ILE D 36 21.10 0.74 19.61
N PRO D 37 22.13 1.57 19.56
CA PRO D 37 22.11 2.74 20.45
C PRO D 37 20.94 3.66 20.13
N PRO D 38 20.39 4.33 21.14
CA PRO D 38 19.25 5.24 20.95
C PRO D 38 19.40 6.28 19.84
N ASP D 39 20.60 6.85 19.68
CA ASP D 39 20.77 7.86 18.64
C ASP D 39 20.49 7.35 17.23
N GLN D 40 20.62 6.04 17.02
CA GLN D 40 20.41 5.44 15.70
C GLN D 40 18.98 4.99 15.47
N GLN D 41 18.14 5.15 16.48
CA GLN D 41 16.75 4.73 16.39
C GLN D 41 15.77 5.85 16.05
N ARG D 42 14.89 5.59 15.09
CA ARG D 42 13.83 6.53 14.75
C ARG D 42 12.56 5.72 14.98
N LEU D 43 11.74 6.15 15.93
CA LEU D 43 10.49 5.45 16.25
C LEU D 43 9.32 6.20 15.63
N ILE D 44 8.39 5.45 15.06
CA ILE D 44 7.22 6.00 14.38
C ILE D 44 5.95 5.35 14.91
N PHE D 45 4.94 6.18 15.16
CA PHE D 45 3.66 5.66 15.61
C PHE D 45 2.62 6.34 14.74
N ALA D 46 1.87 5.52 14.01
CA ALA D 46 0.84 6.04 13.11
C ALA D 46 1.47 7.02 12.12
N GLY D 47 2.69 6.70 11.68
CA GLY D 47 3.38 7.56 10.74
C GLY D 47 3.98 8.84 11.29
N LYS D 48 4.02 8.97 12.62
CA LYS D 48 4.57 10.17 13.25
C LYS D 48 5.89 9.88 13.98
N GLN D 49 6.88 10.75 13.80
CA GLN D 49 8.18 10.57 14.46
C GLN D 49 8.01 10.86 15.95
N LEU D 50 8.49 9.95 16.80
CA LEU D 50 8.37 10.15 18.23
C LEU D 50 9.60 10.88 18.76
N GLU D 51 9.36 11.94 19.54
N GLU D 51 9.36 11.94 19.53
CA GLU D 51 10.43 12.75 20.10
CA GLU D 51 10.44 12.75 20.09
C GLU D 51 10.90 12.24 21.45
C GLU D 51 10.90 12.25 21.45
N ASP D 52 12.22 12.11 21.60
CA ASP D 52 12.85 11.61 22.83
C ASP D 52 12.35 12.11 24.19
N GLY D 53 12.08 13.40 24.30
CA GLY D 53 11.63 13.97 25.56
C GLY D 53 10.18 13.75 25.95
N ARG D 54 9.36 13.31 25.00
CA ARG D 54 7.95 13.09 25.31
C ARG D 54 7.72 11.70 25.85
N THR D 55 6.50 11.45 26.34
CA THR D 55 6.16 10.14 26.88
C THR D 55 5.21 9.40 25.96
N LEU D 56 5.07 8.10 26.22
CA LEU D 56 4.16 7.28 25.43
C LEU D 56 2.74 7.83 25.56
N SER D 57 2.38 8.30 26.76
CA SER D 57 1.05 8.84 26.97
C SER D 57 0.84 10.12 26.14
N ASP D 58 1.89 10.88 25.88
CA ASP D 58 1.78 12.11 25.09
C ASP D 58 1.32 11.78 23.68
N TYR D 59 1.64 10.59 23.21
CA TYR D 59 1.28 10.16 21.86
C TYR D 59 0.06 9.24 21.82
N ASN D 60 -0.58 9.08 22.97
CA ASN D 60 -1.74 8.20 23.11
C ASN D 60 -1.40 6.76 22.71
N ILE D 61 -0.16 6.35 23.02
CA ILE D 61 0.29 4.99 22.75
C ILE D 61 -0.22 4.14 23.91
N GLN D 62 -1.08 3.18 23.57
CA GLN D 62 -1.70 2.33 24.58
C GLN D 62 -1.20 0.90 24.54
N LYS D 63 -1.74 0.06 25.42
CA LYS D 63 -1.31 -1.32 25.48
C LYS D 63 -1.46 -2.04 24.15
N GLU D 64 -0.43 -2.83 23.84
CA GLU D 64 -0.36 -3.61 22.62
C GLU D 64 -0.28 -2.80 21.33
N SER D 65 0.05 -1.52 21.45
CA SER D 65 0.23 -0.68 20.28
C SER D 65 1.49 -1.15 19.56
N THR D 66 1.55 -0.88 18.27
CA THR D 66 2.71 -1.24 17.49
C THR D 66 3.40 0.03 17.03
N LEU D 67 4.71 0.07 17.19
CA LEU D 67 5.53 1.19 16.73
C LEU D 67 6.41 0.62 15.65
N HIS D 68 6.90 1.48 14.76
CA HIS D 68 7.80 1.02 13.73
C HIS D 68 9.16 1.63 14.01
N LEU D 69 10.20 0.82 13.88
CA LEU D 69 11.56 1.27 14.12
C LEU D 69 12.32 1.33 12.80
N VAL D 70 12.80 2.52 12.45
CA VAL D 70 13.58 2.72 11.24
C VAL D 70 14.98 2.99 11.79
N LEU D 71 15.99 2.32 11.23
CA LEU D 71 17.36 2.48 11.73
C LEU D 71 18.16 3.50 10.93
N ARG D 72 18.54 4.57 11.60
CA ARG D 72 19.32 5.65 10.98
C ARG D 72 20.80 5.32 11.09
N LEU D 73 21.21 4.33 10.31
CA LEU D 73 22.58 3.84 10.29
C LEU D 73 23.38 4.50 9.19
N ARG D 74 24.70 4.50 9.33
CA ARG D 74 25.57 5.09 8.33
C ARG D 74 26.30 4.02 7.54
N GLY D 75 26.28 4.15 6.22
CA GLY D 75 26.93 3.18 5.36
C GLY D 75 28.09 3.78 4.61
#